data_1PAX
#
_entry.id   1PAX
#
_cell.length_a   59.200
_cell.length_b   64.500
_cell.length_c   96.400
_cell.angle_alpha   90.00
_cell.angle_beta   90.00
_cell.angle_gamma   90.00
#
_symmetry.space_group_name_H-M   'P 21 21 21'
#
loop_
_entity.id
_entity.type
_entity.pdbx_description
1 polymer 'POLY(ADP-RIBOSE) POLYMERASE'
2 non-polymer 3,4-DIHYDRO-5-METHYL-ISOQUINOLINONE
3 water water
#
_entity_poly.entity_id   1
_entity_poly.type   'polypeptide(L)'
_entity_poly.pdbx_seq_one_letter_code
;ALTVSAGTKSKLAKPIQDLIKMIFDVESMKKAMVEFEIDLQKMPLGKLSKRQIQSAYSILNEVQQAVSDGGSESQILDLS
NRFYTLIPHDFGMKKPPLLSNLEYIQAKVQMLDNLLDIEVAYSLLRGGNEDGDKDPIDINYEKLRTDIKVVDKDSEEAKI
IKQYVKNTHAATHNAYDLKVVEIFRIEREGESQRYKPFKQLHNRQLLWHGSRTTNFAGILSQGLRIAPPEAPVTGYMFGK
GIYFADMVSKSANYCHTSQADPIGLILLGEVALGNMYELKNASHITKLPKGKHSVKGLGKTAPDPTATTTLDGVEVPLGN
GISTGINDTCLLYNEYIVYDVAQVNLKYLLKLKFNYKTSLW
;
_entity_poly.pdbx_strand_id   A
#
# COMPACT_ATOMS: atom_id res chain seq x y z
N LYS A 9 21.74 -2.66 25.02
CA LYS A 9 21.60 -2.50 23.55
C LYS A 9 20.52 -3.39 22.94
N SER A 10 20.35 -3.25 21.62
CA SER A 10 19.38 -4.02 20.86
C SER A 10 19.77 -5.47 20.71
N LYS A 11 18.80 -6.36 20.91
CA LYS A 11 19.03 -7.79 20.78
C LYS A 11 18.72 -8.25 19.34
N LEU A 12 18.03 -7.40 18.58
CA LEU A 12 17.64 -7.68 17.21
C LEU A 12 18.82 -7.77 16.26
N ALA A 13 18.66 -8.54 15.19
CA ALA A 13 19.70 -8.67 14.17
C ALA A 13 19.83 -7.26 13.60
N LYS A 14 20.98 -6.97 13.02
CA LYS A 14 21.24 -5.66 12.45
C LYS A 14 20.22 -5.20 11.39
N PRO A 15 19.91 -6.07 10.41
CA PRO A 15 18.95 -5.69 9.35
C PRO A 15 17.60 -5.22 9.90
N ILE A 16 17.13 -5.87 10.98
CA ILE A 16 15.86 -5.53 11.64
C ILE A 16 15.93 -4.19 12.37
N GLN A 17 17.11 -3.87 12.89
CA GLN A 17 17.38 -2.60 13.55
C GLN A 17 17.28 -1.50 12.49
N ASP A 18 17.99 -1.67 11.38
CA ASP A 18 17.98 -0.71 10.29
C ASP A 18 16.60 -0.55 9.69
N LEU A 19 15.80 -1.60 9.78
CA LEU A 19 14.45 -1.57 9.25
C LEU A 19 13.55 -0.73 10.16
N ILE A 20 13.66 -0.94 11.49
CA ILE A 20 12.88 -0.20 12.48
C ILE A 20 13.17 1.30 12.45
N LYS A 21 14.46 1.64 12.38
CA LYS A 21 14.89 3.03 12.31
C LYS A 21 14.29 3.67 11.06
N MET A 22 14.28 2.93 9.96
CA MET A 22 13.74 3.43 8.71
C MET A 22 12.24 3.65 8.70
N ILE A 23 11.47 2.74 9.29
CA ILE A 23 10.03 2.91 9.28
C ILE A 23 9.55 3.93 10.29
N PHE A 24 10.39 4.23 11.28
CA PHE A 24 10.04 5.23 12.28
C PHE A 24 10.74 6.57 12.11
N ASP A 25 11.41 6.77 10.97
CA ASP A 25 12.13 8.01 10.71
C ASP A 25 11.19 9.21 10.59
N VAL A 26 11.29 10.15 11.52
CA VAL A 26 10.42 11.32 11.54
C VAL A 26 10.60 12.22 10.35
N GLU A 27 11.83 12.31 9.84
CA GLU A 27 12.12 13.18 8.71
C GLU A 27 11.39 12.73 7.45
N SER A 28 11.29 11.42 7.26
CA SER A 28 10.58 10.88 6.10
C SER A 28 9.08 11.19 6.20
N MET A 29 8.53 11.15 7.41
CA MET A 29 7.12 11.47 7.60
C MET A 29 6.83 12.91 7.14
N LYS A 30 7.72 13.83 7.48
CA LYS A 30 7.54 15.23 7.07
C LYS A 30 7.71 15.39 5.55
N LYS A 31 8.70 14.71 4.98
CA LYS A 31 8.90 14.77 3.54
C LYS A 31 7.61 14.34 2.84
N ALA A 32 7.01 13.23 3.30
CA ALA A 32 5.75 12.71 2.72
C ALA A 32 4.69 13.81 2.73
N MET A 33 4.52 14.45 3.88
CA MET A 33 3.54 15.52 4.06
C MET A 33 3.78 16.75 3.23
N VAL A 34 5.05 17.13 3.05
CA VAL A 34 5.40 18.28 2.23
C VAL A 34 5.08 17.96 0.77
N GLU A 35 5.27 16.69 0.39
CA GLU A 35 4.98 16.25 -0.97
C GLU A 35 3.50 16.31 -1.28
N PHE A 36 2.66 16.11 -0.27
CA PHE A 36 1.20 16.16 -0.43
C PHE A 36 0.77 17.62 -0.35
N GLU A 37 1.77 18.50 -0.20
CA GLU A 37 1.58 19.95 -0.10
C GLU A 37 0.93 20.44 1.18
N ILE A 38 1.08 19.68 2.27
CA ILE A 38 0.53 20.13 3.55
C ILE A 38 1.42 21.24 4.09
N ASP A 39 0.81 22.15 4.85
CA ASP A 39 1.50 23.28 5.47
C ASP A 39 2.00 22.77 6.82
N LEU A 40 3.28 22.44 6.89
CA LEU A 40 3.87 21.90 8.12
C LEU A 40 3.98 22.89 9.27
N GLN A 41 3.89 24.17 8.95
CA GLN A 41 3.94 25.23 9.95
C GLN A 41 2.58 25.36 10.65
N LYS A 42 1.50 25.22 9.89
CA LYS A 42 0.15 25.27 10.43
C LYS A 42 -0.31 23.89 10.84
N MET A 43 0.26 22.86 10.23
CA MET A 43 -0.13 21.49 10.54
C MET A 43 1.06 20.58 10.84
N PRO A 44 1.58 20.65 12.06
CA PRO A 44 2.72 19.81 12.42
C PRO A 44 2.31 18.33 12.59
N LEU A 45 3.30 17.43 12.57
CA LEU A 45 3.06 16.01 12.74
C LEU A 45 2.16 15.73 13.95
N GLY A 46 2.38 16.48 15.01
CA GLY A 46 1.59 16.30 16.22
C GLY A 46 0.14 16.76 16.22
N LYS A 47 -0.33 17.42 15.17
CA LYS A 47 -1.72 17.89 15.10
C LYS A 47 -2.68 16.87 14.48
N LEU A 48 -2.13 15.96 13.68
CA LEU A 48 -2.88 14.92 13.00
C LEU A 48 -3.67 14.03 13.94
N SER A 49 -4.97 13.90 13.70
CA SER A 49 -5.81 13.01 14.50
C SER A 49 -6.70 12.21 13.56
N LYS A 50 -7.07 10.99 13.98
CA LYS A 50 -7.94 10.11 13.19
C LYS A 50 -9.28 10.77 12.85
N ARG A 51 -9.88 11.43 13.85
CA ARG A 51 -11.16 12.12 13.70
C ARG A 51 -11.08 13.17 12.60
N GLN A 52 -9.99 13.94 12.63
CA GLN A 52 -9.71 14.98 11.65
C GLN A 52 -9.67 14.41 10.24
N ILE A 53 -9.04 13.24 10.09
CA ILE A 53 -8.91 12.59 8.79
C ILE A 53 -10.27 12.02 8.32
N GLN A 54 -11.08 11.52 9.26
CA GLN A 54 -12.40 10.98 8.96
C GLN A 54 -13.25 12.07 8.35
N SER A 55 -13.29 13.22 9.01
CA SER A 55 -14.04 14.37 8.53
C SER A 55 -13.59 14.85 7.15
N ALA A 56 -12.28 14.80 6.90
CA ALA A 56 -11.75 15.23 5.61
C ALA A 56 -12.26 14.31 4.50
N TYR A 57 -12.30 13.00 4.77
CA TYR A 57 -12.80 12.01 3.81
C TYR A 57 -14.25 12.36 3.43
N SER A 58 -15.06 12.66 4.43
CA SER A 58 -16.48 13.03 4.26
C SER A 58 -16.66 14.26 3.40
N ILE A 59 -15.80 15.25 3.61
CA ILE A 59 -15.85 16.49 2.84
C ILE A 59 -15.52 16.15 1.39
N LEU A 60 -14.54 15.26 1.20
CA LEU A 60 -14.14 14.84 -0.14
C LEU A 60 -15.26 14.05 -0.82
N ASN A 61 -15.98 13.29 -0.01
CA ASN A 61 -17.07 12.48 -0.51
C ASN A 61 -18.19 13.40 -0.99
N GLU A 62 -18.53 14.39 -0.18
CA GLU A 62 -19.56 15.35 -0.54
C GLU A 62 -19.21 16.18 -1.79
N VAL A 63 -17.96 16.68 -1.86
CA VAL A 63 -17.55 17.50 -3.00
C VAL A 63 -17.51 16.69 -4.29
N GLN A 64 -17.15 15.41 -4.17
CA GLN A 64 -17.10 14.45 -5.28
C GLN A 64 -18.52 14.31 -5.85
N GLN A 65 -19.50 14.24 -4.95
CA GLN A 65 -20.91 14.13 -5.30
C GLN A 65 -21.45 15.38 -6.03
N ALA A 66 -21.05 16.54 -5.55
CA ALA A 66 -21.48 17.81 -6.13
C ALA A 66 -20.91 18.03 -7.54
N VAL A 67 -19.68 17.56 -7.79
CA VAL A 67 -19.06 17.72 -9.11
C VAL A 67 -19.74 16.80 -10.10
N SER A 68 -19.91 15.54 -9.72
CA SER A 68 -20.58 14.53 -10.55
C SER A 68 -22.01 14.91 -10.91
N ASP A 69 -22.79 15.32 -9.91
CA ASP A 69 -24.18 15.70 -10.11
C ASP A 69 -24.49 17.13 -10.48
N GLY A 70 -23.46 17.92 -10.76
CA GLY A 70 -23.68 19.31 -11.08
C GLY A 70 -24.26 20.11 -9.92
N GLY A 71 -23.62 20.04 -8.74
CA GLY A 71 -24.08 20.81 -7.58
C GLY A 71 -23.68 22.26 -7.79
N SER A 72 -24.24 23.19 -7.02
CA SER A 72 -23.91 24.61 -7.16
C SER A 72 -22.42 24.88 -7.00
N GLU A 73 -21.91 25.85 -7.74
CA GLU A 73 -20.51 26.24 -7.63
C GLU A 73 -20.25 26.77 -6.21
N SER A 74 -21.28 27.36 -5.60
CA SER A 74 -21.17 27.91 -4.25
C SER A 74 -20.91 26.76 -3.27
N GLN A 75 -21.54 25.63 -3.54
CA GLN A 75 -21.39 24.44 -2.72
C GLN A 75 -19.92 23.92 -2.78
N ILE A 76 -19.40 23.79 -4.00
CA ILE A 76 -18.05 23.31 -4.24
C ILE A 76 -17.01 24.25 -3.61
N LEU A 77 -17.28 25.55 -3.64
CA LEU A 77 -16.39 26.55 -3.06
C LEU A 77 -16.39 26.39 -1.54
N ASP A 78 -17.57 26.20 -0.97
CA ASP A 78 -17.69 26.07 0.47
C ASP A 78 -16.98 24.83 0.98
N LEU A 79 -17.15 23.73 0.24
CA LEU A 79 -16.52 22.46 0.59
C LEU A 79 -15.01 22.54 0.48
N SER A 80 -14.49 23.22 -0.56
CA SER A 80 -13.04 23.39 -0.74
C SER A 80 -12.46 24.19 0.44
N ASN A 81 -13.15 25.26 0.83
CA ASN A 81 -12.71 26.10 1.93
C ASN A 81 -12.66 25.33 3.21
N ARG A 82 -13.67 24.51 3.44
CA ARG A 82 -13.70 23.73 4.67
C ARG A 82 -12.59 22.70 4.69
N PHE A 83 -12.31 22.08 3.54
CA PHE A 83 -11.24 21.08 3.45
C PHE A 83 -9.85 21.68 3.73
N TYR A 84 -9.53 22.81 3.08
CA TYR A 84 -8.25 23.49 3.25
C TYR A 84 -8.08 24.13 4.65
N THR A 85 -9.19 24.28 5.37
CA THR A 85 -9.17 24.83 6.71
C THR A 85 -8.92 23.68 7.69
N LEU A 86 -9.44 22.51 7.34
CA LEU A 86 -9.27 21.32 8.16
C LEU A 86 -7.84 20.82 7.98
N ILE A 87 -7.37 20.78 6.73
CA ILE A 87 -6.01 20.33 6.39
C ILE A 87 -5.31 21.49 5.68
N PRO A 88 -4.57 22.34 6.43
CA PRO A 88 -3.84 23.50 5.87
C PRO A 88 -2.81 23.08 4.80
N HIS A 89 -2.90 23.74 3.65
CA HIS A 89 -2.01 23.50 2.51
C HIS A 89 -1.11 24.70 2.22
N ASP A 90 0.02 24.44 1.60
CA ASP A 90 0.94 25.48 1.23
C ASP A 90 1.23 25.31 -0.25
N PHE A 91 0.62 26.19 -1.04
CA PHE A 91 0.75 26.18 -2.49
C PHE A 91 1.77 27.21 -2.95
N GLY A 92 2.56 27.72 -2.01
CA GLY A 92 3.56 28.70 -2.35
C GLY A 92 2.96 30.00 -2.87
N MET A 93 3.51 30.49 -3.98
CA MET A 93 3.04 31.74 -4.56
C MET A 93 1.85 31.57 -5.49
N LYS A 94 1.29 30.37 -5.58
CA LYS A 94 0.15 30.17 -6.47
C LYS A 94 -1.19 30.14 -5.71
N LYS A 95 -2.28 30.42 -6.42
CA LYS A 95 -3.60 30.39 -5.79
C LYS A 95 -3.96 28.93 -5.51
N PRO A 96 -4.70 28.67 -4.42
CA PRO A 96 -5.10 27.29 -4.09
C PRO A 96 -6.20 26.77 -5.05
N PRO A 97 -5.96 25.62 -5.70
CA PRO A 97 -6.96 25.07 -6.61
C PRO A 97 -8.20 24.58 -5.88
N LEU A 98 -9.36 24.76 -6.49
CA LEU A 98 -10.61 24.30 -5.89
C LEU A 98 -10.77 22.80 -6.11
N LEU A 99 -11.50 22.14 -5.23
CA LEU A 99 -11.75 20.71 -5.36
C LEU A 99 -12.90 20.58 -6.35
N SER A 100 -12.66 20.94 -7.61
CA SER A 100 -13.72 20.90 -8.62
C SER A 100 -13.37 20.01 -9.82
N ASN A 101 -12.25 19.33 -9.71
CA ASN A 101 -11.75 18.44 -10.75
C ASN A 101 -11.70 17.04 -10.12
N LEU A 102 -12.35 16.06 -10.73
CA LEU A 102 -12.37 14.70 -10.17
C LEU A 102 -10.99 14.06 -9.99
N GLU A 103 -9.99 14.50 -10.75
CA GLU A 103 -8.65 13.94 -10.61
C GLU A 103 -7.93 14.50 -9.40
N TYR A 104 -8.14 15.79 -9.13
CA TYR A 104 -7.52 16.47 -8.00
C TYR A 104 -8.12 15.92 -6.70
N ILE A 105 -9.42 15.64 -6.74
CA ILE A 105 -10.16 15.07 -5.61
C ILE A 105 -9.62 13.66 -5.31
N GLN A 106 -9.33 12.90 -6.36
CA GLN A 106 -8.77 11.55 -6.26
C GLN A 106 -7.39 11.62 -5.62
N ALA A 107 -6.60 12.60 -6.03
CA ALA A 107 -5.27 12.79 -5.45
C ALA A 107 -5.39 13.02 -3.96
N LYS A 108 -6.37 13.84 -3.56
CA LYS A 108 -6.59 14.17 -2.17
C LYS A 108 -7.09 12.99 -1.35
N VAL A 109 -7.90 12.12 -1.95
CA VAL A 109 -8.39 10.93 -1.24
C VAL A 109 -7.17 10.03 -0.92
N GLN A 110 -6.21 9.99 -1.84
CA GLN A 110 -5.00 9.18 -1.66
C GLN A 110 -4.10 9.76 -0.58
N MET A 111 -4.00 11.08 -0.53
CA MET A 111 -3.20 11.74 0.51
C MET A 111 -3.73 11.32 1.89
N LEU A 112 -5.06 11.29 2.05
CA LEU A 112 -5.67 10.86 3.32
C LEU A 112 -5.37 9.39 3.66
N ASP A 113 -5.33 8.52 2.63
CA ASP A 113 -5.02 7.10 2.87
C ASP A 113 -3.64 7.02 3.51
N ASN A 114 -2.72 7.87 3.03
CA ASN A 114 -1.35 7.92 3.56
C ASN A 114 -1.28 8.57 4.93
N LEU A 115 -2.03 9.66 5.13
CA LEU A 115 -2.02 10.33 6.43
C LEU A 115 -2.53 9.42 7.54
N LEU A 116 -3.41 8.48 7.19
CA LEU A 116 -3.95 7.51 8.16
C LEU A 116 -2.85 6.59 8.73
N ASP A 117 -1.88 6.25 7.90
CA ASP A 117 -0.79 5.41 8.34
C ASP A 117 0.31 6.24 9.01
N ILE A 118 0.51 7.48 8.55
CA ILE A 118 1.53 8.31 9.17
C ILE A 118 1.08 8.64 10.59
N GLU A 119 -0.21 8.93 10.75
CA GLU A 119 -0.73 9.23 12.08
C GLU A 119 -0.47 8.05 13.03
N VAL A 120 -0.65 6.82 12.56
CA VAL A 120 -0.41 5.64 13.41
C VAL A 120 1.07 5.57 13.82
N ALA A 121 1.96 5.79 12.84
CA ALA A 121 3.40 5.76 13.10
C ALA A 121 3.87 6.78 14.15
N TYR A 122 3.44 8.03 14.03
CA TYR A 122 3.84 9.06 14.99
C TYR A 122 3.26 8.76 16.38
N SER A 123 2.03 8.28 16.44
CA SER A 123 1.42 7.97 17.73
C SER A 123 2.21 6.91 18.47
N LEU A 124 2.62 5.87 17.74
CA LEU A 124 3.39 4.79 18.36
C LEU A 124 4.74 5.30 18.81
N LEU A 125 5.35 6.15 18.00
CA LEU A 125 6.67 6.69 18.27
C LEU A 125 6.76 7.46 19.57
N ARG A 126 5.70 8.18 19.89
CA ARG A 126 5.63 8.98 21.10
C ARG A 126 4.95 8.23 22.25
N GLY A 127 4.65 6.96 22.02
CA GLY A 127 4.00 6.12 23.03
C GLY A 127 4.89 5.76 24.22
N GLY A 128 4.64 4.61 24.84
CA GLY A 128 5.41 4.17 26.00
C GLY A 128 6.88 3.89 25.77
N ASN A 129 7.70 4.94 25.80
CA ASN A 129 9.14 4.84 25.58
C ASN A 129 9.97 5.13 26.84
N GLU A 130 9.34 5.09 28.02
CA GLU A 130 10.04 5.38 29.27
C GLU A 130 11.01 4.29 29.75
N ASP A 131 10.70 3.03 29.44
CA ASP A 131 11.52 1.89 29.83
C ASP A 131 13.00 2.06 29.47
N GLY A 132 13.87 2.08 30.47
CA GLY A 132 15.31 2.22 30.25
C GLY A 132 16.01 0.88 30.15
N ASP A 133 15.31 -0.20 30.52
CA ASP A 133 15.87 -1.55 30.47
C ASP A 133 15.72 -2.21 29.10
N LYS A 134 15.41 -1.41 28.09
CA LYS A 134 15.26 -1.88 26.70
C LYS A 134 15.86 -0.79 25.82
N ASP A 135 16.48 -1.18 24.70
CA ASP A 135 17.04 -0.22 23.75
C ASP A 135 15.83 0.38 23.01
N PRO A 136 15.90 1.67 22.63
CA PRO A 136 14.80 2.33 21.91
C PRO A 136 14.31 1.53 20.70
N ILE A 137 15.24 0.98 19.91
CA ILE A 137 14.89 0.16 18.76
C ILE A 137 14.03 -1.02 19.22
N ASP A 138 14.48 -1.73 20.24
CA ASP A 138 13.76 -2.89 20.78
C ASP A 138 12.37 -2.48 21.23
N ILE A 139 12.24 -1.33 21.87
CA ILE A 139 10.94 -0.88 22.33
C ILE A 139 9.95 -0.63 21.17
N ASN A 140 10.43 0.02 20.11
CA ASN A 140 9.58 0.33 18.97
C ASN A 140 9.22 -0.92 18.17
N TYR A 141 10.14 -1.87 18.10
CA TYR A 141 9.90 -3.11 17.39
C TYR A 141 8.72 -3.82 18.06
N GLU A 142 8.74 -3.87 19.39
CA GLU A 142 7.68 -4.52 20.13
C GLU A 142 6.35 -3.84 19.91
N LYS A 143 6.37 -2.55 19.61
CA LYS A 143 5.15 -1.79 19.35
C LYS A 143 4.45 -2.24 18.06
N LEU A 144 5.19 -2.94 17.20
CA LEU A 144 4.64 -3.41 15.94
C LEU A 144 3.82 -4.69 16.10
N ARG A 145 4.06 -5.43 17.18
CA ARG A 145 3.34 -6.69 17.46
C ARG A 145 3.40 -7.62 16.22
N THR A 146 4.59 -7.67 15.64
CA THR A 146 4.85 -8.42 14.45
C THR A 146 6.20 -9.06 14.64
N ASP A 147 6.23 -10.39 14.54
CA ASP A 147 7.48 -11.13 14.68
C ASP A 147 8.22 -10.99 13.34
N ILE A 148 9.43 -10.45 13.36
CA ILE A 148 10.20 -10.28 12.13
C ILE A 148 11.48 -11.08 12.17
N LYS A 149 11.74 -11.81 11.09
CA LYS A 149 12.91 -12.65 10.98
C LYS A 149 13.58 -12.51 9.65
N VAL A 150 14.91 -12.57 9.66
CA VAL A 150 15.68 -12.44 8.43
C VAL A 150 15.68 -13.77 7.66
N VAL A 151 15.30 -13.72 6.40
CA VAL A 151 15.31 -14.93 5.61
C VAL A 151 16.72 -15.13 5.08
N ASP A 152 17.20 -16.36 5.24
CA ASP A 152 18.52 -16.77 4.79
C ASP A 152 18.66 -16.59 3.28
N LYS A 153 19.56 -15.71 2.89
CA LYS A 153 19.81 -15.35 1.50
C LYS A 153 20.05 -16.52 0.54
N ASP A 154 20.62 -17.59 1.06
CA ASP A 154 20.92 -18.74 0.22
C ASP A 154 19.96 -19.91 0.36
N SER A 155 18.83 -19.70 1.02
CA SER A 155 17.87 -20.79 1.16
C SER A 155 16.96 -20.83 -0.05
N GLU A 156 16.17 -21.91 -0.17
CA GLU A 156 15.25 -22.07 -1.30
C GLU A 156 14.16 -21.02 -1.31
N GLU A 157 13.68 -20.69 -0.12
CA GLU A 157 12.65 -19.69 0.12
C GLU A 157 13.07 -18.36 -0.53
N ALA A 158 14.33 -17.98 -0.28
CA ALA A 158 14.90 -16.76 -0.82
C ALA A 158 15.16 -16.88 -2.31
N LYS A 159 15.52 -18.07 -2.78
CA LYS A 159 15.80 -18.27 -4.19
C LYS A 159 14.53 -18.06 -4.99
N ILE A 160 13.44 -18.67 -4.56
CA ILE A 160 12.16 -18.54 -5.25
C ILE A 160 11.72 -17.07 -5.33
N ILE A 161 11.81 -16.36 -4.20
CA ILE A 161 11.42 -14.95 -4.12
C ILE A 161 12.27 -14.03 -5.02
N LYS A 162 13.56 -14.34 -5.13
CA LYS A 162 14.43 -13.55 -6.00
C LYS A 162 14.10 -13.82 -7.46
N GLN A 163 13.63 -15.05 -7.75
CA GLN A 163 13.24 -15.44 -9.11
C GLN A 163 11.97 -14.65 -9.49
N TYR A 164 11.08 -14.52 -8.52
CA TYR A 164 9.81 -13.80 -8.66
C TYR A 164 10.07 -12.32 -8.92
N VAL A 165 11.10 -11.77 -8.26
CA VAL A 165 11.46 -10.35 -8.44
C VAL A 165 12.08 -10.12 -9.83
N LYS A 166 13.10 -10.92 -10.16
CA LYS A 166 13.78 -10.84 -11.43
C LYS A 166 12.89 -11.09 -12.67
N ASN A 167 12.17 -12.21 -12.69
CA ASN A 167 11.33 -12.55 -13.83
C ASN A 167 10.13 -11.67 -14.08
N THR A 168 9.55 -11.09 -13.03
CA THR A 168 8.35 -10.25 -13.23
C THR A 168 8.55 -8.74 -13.32
N HIS A 169 9.75 -8.29 -13.68
CA HIS A 169 9.99 -6.86 -13.84
C HIS A 169 9.56 -6.47 -15.25
N ALA A 170 8.37 -5.86 -15.36
CA ALA A 170 7.75 -5.42 -16.62
C ALA A 170 8.63 -4.56 -17.54
N ALA A 171 8.38 -4.66 -18.85
CA ALA A 171 9.13 -3.94 -19.90
C ALA A 171 9.02 -2.42 -19.88
N THR A 172 7.79 -1.92 -19.70
CA THR A 172 7.51 -0.48 -19.67
C THR A 172 7.96 0.23 -18.36
N HIS A 173 8.37 -0.55 -17.37
CA HIS A 173 8.83 -0.05 -16.07
C HIS A 173 10.34 -0.16 -15.95
N ASN A 174 11.01 -0.46 -17.06
CA ASN A 174 12.47 -0.58 -17.02
C ASN A 174 13.20 0.74 -17.20
N ALA A 175 12.90 1.62 -16.25
CA ALA A 175 13.46 2.95 -16.10
C ALA A 175 14.35 2.81 -14.84
N TYR A 176 14.40 1.60 -14.30
CA TYR A 176 15.19 1.25 -13.13
C TYR A 176 15.32 -0.25 -12.99
N ASP A 177 16.32 -0.67 -12.23
CA ASP A 177 16.56 -2.07 -11.93
C ASP A 177 16.15 -2.22 -10.48
N LEU A 178 16.08 -3.47 -10.02
CA LEU A 178 15.69 -3.75 -8.66
C LEU A 178 16.65 -4.72 -8.03
N LYS A 179 17.21 -4.39 -6.89
CA LYS A 179 18.05 -5.36 -6.22
C LYS A 179 17.41 -5.65 -4.88
N VAL A 180 17.29 -6.93 -4.56
CA VAL A 180 16.74 -7.35 -3.30
C VAL A 180 17.87 -7.22 -2.28
N VAL A 181 17.75 -6.26 -1.37
CA VAL A 181 18.75 -6.03 -0.33
C VAL A 181 18.59 -6.98 0.86
N GLU A 182 17.34 -7.23 1.25
CA GLU A 182 17.06 -8.09 2.39
C GLU A 182 15.61 -8.62 2.34
N ILE A 183 15.41 -9.86 2.81
CA ILE A 183 14.08 -10.47 2.82
C ILE A 183 13.75 -10.82 4.25
N PHE A 184 12.59 -10.38 4.74
CA PHE A 184 12.16 -10.65 6.10
C PHE A 184 10.89 -11.46 6.09
N ARG A 185 10.85 -12.47 6.96
CA ARG A 185 9.68 -13.30 7.15
C ARG A 185 8.95 -12.60 8.30
N ILE A 186 7.71 -12.22 8.07
CA ILE A 186 6.93 -11.51 9.08
C ILE A 186 5.66 -12.23 9.43
N GLU A 187 5.29 -12.15 10.70
CA GLU A 187 4.05 -12.75 11.17
C GLU A 187 3.36 -11.82 12.17
N ARG A 188 2.36 -11.09 11.70
CA ARG A 188 1.60 -10.16 12.54
C ARG A 188 0.78 -10.92 13.56
N GLU A 189 0.75 -10.42 14.79
CA GLU A 189 -0.01 -11.05 15.85
C GLU A 189 -1.49 -11.25 15.50
N GLY A 190 -1.96 -12.47 15.70
CA GLY A 190 -3.34 -12.82 15.44
C GLY A 190 -3.81 -12.84 13.99
N GLU A 191 -2.91 -12.58 13.03
CA GLU A 191 -3.32 -12.56 11.62
C GLU A 191 -3.58 -13.95 11.05
N SER A 192 -2.74 -14.91 11.43
CA SER A 192 -2.90 -16.31 11.01
C SER A 192 -4.25 -16.84 11.44
N GLN A 193 -4.75 -16.39 12.59
CA GLN A 193 -6.02 -16.87 13.10
C GLN A 193 -7.21 -16.27 12.38
N ARG A 194 -7.18 -14.98 12.07
CA ARG A 194 -8.33 -14.39 11.38
C ARG A 194 -8.34 -14.86 9.93
N TYR A 195 -7.21 -15.36 9.45
CA TYR A 195 -7.13 -15.84 8.08
C TYR A 195 -7.47 -17.34 7.94
N LYS A 196 -7.47 -18.09 9.03
CA LYS A 196 -7.74 -19.53 8.99
C LYS A 196 -8.88 -19.99 8.10
N PRO A 197 -10.08 -19.37 8.21
CA PRO A 197 -11.24 -19.75 7.39
C PRO A 197 -11.01 -19.79 5.89
N PHE A 198 -10.11 -18.94 5.42
CA PHE A 198 -9.79 -18.82 4.00
C PHE A 198 -8.83 -19.84 3.43
N LYS A 199 -8.30 -20.73 4.26
CA LYS A 199 -7.40 -21.76 3.76
C LYS A 199 -8.27 -22.81 3.04
N GLN A 200 -9.58 -22.70 3.27
CA GLN A 200 -10.58 -23.56 2.64
C GLN A 200 -10.82 -23.09 1.19
N LEU A 201 -10.37 -21.90 0.83
CA LEU A 201 -10.54 -21.42 -0.54
C LEU A 201 -9.44 -21.93 -1.46
N HIS A 202 -9.79 -22.04 -2.72
CA HIS A 202 -8.85 -22.46 -3.74
C HIS A 202 -8.32 -21.15 -4.34
N ASN A 203 -7.32 -21.26 -5.20
CA ASN A 203 -6.73 -20.12 -5.89
C ASN A 203 -6.10 -19.11 -4.91
N ARG A 204 -5.22 -19.64 -4.06
CA ARG A 204 -4.52 -18.83 -3.10
C ARG A 204 -3.17 -18.53 -3.73
N GLN A 205 -2.84 -17.24 -3.86
CA GLN A 205 -1.60 -16.84 -4.50
C GLN A 205 -0.71 -15.93 -3.65
N LEU A 206 0.59 -15.91 -3.98
CA LEU A 206 1.58 -15.07 -3.30
C LEU A 206 1.73 -13.83 -4.18
N LEU A 207 1.12 -12.73 -3.74
CA LEU A 207 1.11 -11.48 -4.51
C LEU A 207 1.83 -10.30 -3.87
N TRP A 208 2.12 -9.32 -4.71
CA TRP A 208 2.82 -8.11 -4.29
C TRP A 208 1.96 -6.94 -3.84
N HIS A 209 2.51 -6.18 -2.90
CA HIS A 209 1.87 -4.95 -2.41
C HIS A 209 2.94 -3.91 -2.05
N GLY A 210 2.99 -2.83 -2.83
CA GLY A 210 3.95 -1.77 -2.59
C GLY A 210 3.29 -0.59 -1.89
N SER A 211 4.08 0.14 -1.10
CA SER A 211 3.61 1.31 -0.36
C SER A 211 4.82 2.13 0.08
N ARG A 212 4.61 3.39 0.45
CA ARG A 212 5.71 4.25 0.93
C ARG A 212 6.25 3.71 2.23
N THR A 213 7.54 3.96 2.51
CA THR A 213 8.15 3.49 3.76
C THR A 213 7.46 4.07 4.99
N THR A 214 6.86 5.24 4.81
CA THR A 214 6.16 5.96 5.89
C THR A 214 4.86 5.28 6.33
N ASN A 215 4.41 4.32 5.53
CA ASN A 215 3.17 3.59 5.81
C ASN A 215 3.36 2.29 6.55
N PHE A 216 4.61 1.83 6.58
CA PHE A 216 4.92 0.55 7.19
C PHE A 216 4.71 0.28 8.63
N ALA A 217 4.78 1.30 9.49
CA ALA A 217 4.53 1.06 10.92
C ALA A 217 3.02 0.83 11.08
N GLY A 218 2.26 1.49 10.22
CA GLY A 218 0.81 1.35 10.25
C GLY A 218 0.40 -0.01 9.68
N ILE A 219 1.00 -0.38 8.54
CA ILE A 219 0.70 -1.67 7.91
C ILE A 219 1.06 -2.83 8.86
N LEU A 220 2.24 -2.79 9.49
CA LEU A 220 2.62 -3.87 10.38
C LEU A 220 1.79 -3.95 11.65
N SER A 221 1.39 -2.81 12.22
CA SER A 221 0.63 -2.89 13.45
C SER A 221 -0.86 -3.13 13.24
N GLN A 222 -1.42 -2.53 12.20
CA GLN A 222 -2.84 -2.66 11.89
C GLN A 222 -3.14 -3.62 10.78
N GLY A 223 -2.12 -3.96 10.00
CA GLY A 223 -2.32 -4.85 8.87
C GLY A 223 -2.83 -4.02 7.70
N LEU A 224 -2.98 -4.61 6.53
CA LEU A 224 -3.50 -3.87 5.37
C LEU A 224 -4.97 -3.72 5.62
N ARG A 225 -5.54 -2.58 5.22
CA ARG A 225 -6.95 -2.37 5.45
C ARG A 225 -7.64 -1.65 4.33
N ILE A 226 -8.97 -1.77 4.27
CA ILE A 226 -9.78 -1.12 3.24
C ILE A 226 -10.03 0.31 3.73
N ALA A 227 -10.25 1.24 2.80
CA ALA A 227 -10.50 2.64 3.20
C ALA A 227 -11.77 2.68 4.05
N PRO A 228 -11.86 3.64 4.99
CA PRO A 228 -13.05 3.76 5.86
C PRO A 228 -14.35 4.11 5.14
N PRO A 229 -15.50 3.94 5.82
CA PRO A 229 -16.85 4.22 5.32
C PRO A 229 -17.03 5.61 4.70
N GLU A 230 -16.31 6.60 5.23
CA GLU A 230 -16.38 7.98 4.78
C GLU A 230 -15.77 8.24 3.38
N ALA A 231 -14.76 7.46 3.03
CA ALA A 231 -14.08 7.63 1.75
C ALA A 231 -15.01 7.40 0.56
N PRO A 232 -14.87 8.22 -0.51
CA PRO A 232 -15.75 7.99 -1.65
C PRO A 232 -15.33 6.71 -2.39
N VAL A 233 -16.28 5.87 -2.74
CA VAL A 233 -15.98 4.62 -3.46
C VAL A 233 -15.24 4.96 -4.76
N THR A 234 -15.50 6.17 -5.26
CA THR A 234 -14.90 6.68 -6.49
C THR A 234 -13.40 6.93 -6.43
N GLY A 235 -12.88 7.16 -5.21
CA GLY A 235 -11.47 7.41 -5.05
C GLY A 235 -10.59 6.24 -5.46
N TYR A 236 -11.22 5.08 -5.70
CA TYR A 236 -10.52 3.85 -6.07
C TYR A 236 -11.13 3.15 -7.30
N MET A 237 -10.26 2.75 -8.23
CA MET A 237 -10.68 2.11 -9.47
C MET A 237 -11.64 0.94 -9.36
N PHE A 238 -11.36 -0.05 -8.52
CA PHE A 238 -12.26 -1.20 -8.39
C PHE A 238 -12.96 -1.25 -7.05
N GLY A 239 -13.19 -0.07 -6.48
CA GLY A 239 -13.87 0.01 -5.20
C GLY A 239 -12.90 -0.01 -4.04
N LYS A 240 -13.45 -0.01 -2.83
CA LYS A 240 -12.65 0.00 -1.63
C LYS A 240 -12.22 -1.38 -1.14
N GLY A 241 -11.18 -1.94 -1.77
CA GLY A 241 -10.67 -3.24 -1.34
C GLY A 241 -9.20 -3.09 -1.00
N ILE A 242 -8.45 -4.18 -1.13
CA ILE A 242 -7.01 -4.21 -0.89
C ILE A 242 -6.41 -4.66 -2.22
N TYR A 243 -5.51 -3.86 -2.79
CA TYR A 243 -4.90 -4.17 -4.08
C TYR A 243 -3.56 -4.87 -4.06
N PHE A 244 -3.37 -5.78 -5.02
CA PHE A 244 -2.16 -6.58 -5.18
C PHE A 244 -1.84 -6.72 -6.66
N ALA A 245 -0.63 -7.18 -6.96
CA ALA A 245 -0.16 -7.35 -8.33
C ALA A 245 0.62 -8.64 -8.43
N ASP A 246 0.83 -9.12 -9.66
CA ASP A 246 1.64 -10.33 -9.90
C ASP A 246 2.99 -9.99 -10.57
N MET A 247 3.14 -8.72 -10.95
CA MET A 247 4.39 -8.20 -11.54
C MET A 247 5.02 -7.27 -10.47
N VAL A 248 6.24 -7.58 -10.02
CA VAL A 248 6.91 -6.79 -9.00
C VAL A 248 6.98 -5.34 -9.46
N SER A 249 7.01 -5.19 -10.76
CA SER A 249 7.08 -3.91 -11.43
C SER A 249 5.93 -2.99 -11.08
N LYS A 250 4.69 -3.48 -11.20
CA LYS A 250 3.54 -2.64 -10.91
C LYS A 250 3.47 -2.16 -9.46
N SER A 251 3.79 -3.04 -8.52
CA SER A 251 3.76 -2.69 -7.11
C SER A 251 4.92 -1.74 -6.72
N ALA A 252 6.11 -2.03 -7.24
CA ALA A 252 7.29 -1.22 -6.95
C ALA A 252 7.03 0.26 -7.18
N ASN A 253 6.23 0.58 -8.18
CA ASN A 253 5.91 1.97 -8.49
C ASN A 253 5.19 2.71 -7.37
N TYR A 254 4.50 1.95 -6.51
CA TYR A 254 3.77 2.55 -5.40
C TYR A 254 4.65 2.77 -4.17
N CYS A 255 5.92 2.40 -4.29
CA CYS A 255 6.89 2.58 -3.23
C CYS A 255 7.31 4.05 -3.19
N HIS A 256 7.14 4.73 -4.32
CA HIS A 256 7.50 6.14 -4.45
C HIS A 256 8.94 6.44 -4.08
N THR A 257 9.86 5.73 -4.72
CA THR A 257 11.27 5.95 -4.49
C THR A 257 11.77 6.87 -5.60
N SER A 258 13.04 7.26 -5.52
CA SER A 258 13.63 8.14 -6.53
C SER A 258 15.12 7.94 -6.50
N GLN A 259 15.82 8.69 -7.34
CA GLN A 259 17.27 8.62 -7.41
C GLN A 259 17.82 9.15 -6.06
N ALA A 260 17.16 10.15 -5.50
CA ALA A 260 17.56 10.74 -4.23
C ALA A 260 17.24 9.88 -3.00
N ASP A 261 16.24 9.01 -3.14
CA ASP A 261 15.82 8.13 -2.05
C ASP A 261 15.48 6.79 -2.72
N PRO A 262 16.50 5.96 -2.96
CA PRO A 262 16.38 4.65 -3.61
C PRO A 262 15.96 3.37 -2.87
N ILE A 263 15.79 3.39 -1.55
CA ILE A 263 15.38 2.16 -0.87
C ILE A 263 13.88 2.12 -0.67
N GLY A 264 13.24 1.04 -1.13
CA GLY A 264 11.81 0.90 -0.96
C GLY A 264 11.48 -0.40 -0.24
N LEU A 265 10.32 -0.47 0.39
CA LEU A 265 9.86 -1.69 1.07
C LEU A 265 8.66 -2.21 0.28
N ILE A 266 8.55 -3.53 0.19
CA ILE A 266 7.45 -4.14 -0.54
C ILE A 266 7.02 -5.45 0.13
N LEU A 267 5.71 -5.71 0.12
CA LEU A 267 5.16 -6.88 0.76
C LEU A 267 4.79 -8.03 -0.18
N LEU A 268 4.83 -9.24 0.37
CA LEU A 268 4.39 -10.42 -0.37
C LEU A 268 3.35 -11.02 0.58
N GLY A 269 2.10 -11.05 0.13
CA GLY A 269 1.08 -11.59 1.00
C GLY A 269 0.36 -12.74 0.32
N GLU A 270 -0.13 -13.68 1.13
CA GLU A 270 -0.88 -14.81 0.59
C GLU A 270 -2.30 -14.30 0.52
N VAL A 271 -2.90 -14.28 -0.67
CA VAL A 271 -4.27 -13.79 -0.79
C VAL A 271 -5.22 -14.84 -1.35
N ALA A 272 -6.32 -15.05 -0.61
CA ALA A 272 -7.37 -16.02 -0.95
C ALA A 272 -8.31 -15.42 -2.00
N LEU A 273 -7.99 -15.69 -3.25
CA LEU A 273 -8.77 -15.19 -4.38
C LEU A 273 -10.05 -15.98 -4.72
N GLY A 274 -9.98 -17.31 -4.60
CA GLY A 274 -11.13 -18.15 -4.91
C GLY A 274 -11.58 -17.92 -6.34
N ASN A 275 -12.88 -17.78 -6.56
CA ASN A 275 -13.40 -17.51 -7.90
C ASN A 275 -13.32 -16.01 -8.16
N MET A 276 -12.48 -15.62 -9.12
CA MET A 276 -12.30 -14.22 -9.43
C MET A 276 -13.34 -13.67 -10.43
N TYR A 277 -13.78 -12.45 -10.17
CA TYR A 277 -14.72 -11.74 -11.02
C TYR A 277 -13.81 -10.91 -11.94
N GLU A 278 -13.57 -11.42 -13.15
CA GLU A 278 -12.69 -10.76 -14.13
C GLU A 278 -13.28 -9.55 -14.85
N LEU A 279 -12.58 -8.42 -14.77
CA LEU A 279 -13.02 -7.18 -15.39
C LEU A 279 -11.93 -6.61 -16.30
N LYS A 280 -12.34 -5.92 -17.37
CA LYS A 280 -11.39 -5.35 -18.30
C LYS A 280 -11.35 -3.83 -18.20
N ASN A 281 -12.30 -3.28 -17.46
CA ASN A 281 -12.42 -1.83 -17.26
C ASN A 281 -12.77 -1.54 -15.81
N ALA A 282 -12.67 -0.27 -15.44
CA ALA A 282 -12.98 0.15 -14.07
C ALA A 282 -14.42 -0.19 -13.69
N SER A 283 -14.67 -0.32 -12.41
CA SER A 283 -15.99 -0.65 -11.90
C SER A 283 -15.95 -0.40 -10.40
N HIS A 284 -16.62 0.67 -9.97
CA HIS A 284 -16.64 1.04 -8.57
C HIS A 284 -17.51 0.10 -7.76
N ILE A 285 -17.07 -1.16 -7.75
CA ILE A 285 -17.70 -2.27 -7.06
C ILE A 285 -18.02 -2.02 -5.59
N THR A 286 -19.21 -2.46 -5.21
CA THR A 286 -19.72 -2.34 -3.85
C THR A 286 -20.08 -3.75 -3.40
N LYS A 287 -20.96 -4.38 -4.18
CA LYS A 287 -21.39 -5.74 -3.91
C LYS A 287 -20.59 -6.65 -4.85
N LEU A 288 -20.32 -7.87 -4.40
CA LEU A 288 -19.60 -8.83 -5.20
C LEU A 288 -20.63 -9.87 -5.69
N PRO A 289 -20.57 -10.27 -6.97
CA PRO A 289 -21.52 -11.26 -7.49
C PRO A 289 -21.47 -12.55 -6.68
N LYS A 290 -22.61 -13.22 -6.53
CA LYS A 290 -22.67 -14.47 -5.79
C LYS A 290 -21.68 -15.44 -6.41
N GLY A 291 -20.90 -16.10 -5.55
CA GLY A 291 -19.92 -17.06 -6.04
C GLY A 291 -18.56 -16.49 -6.36
N LYS A 292 -18.40 -15.19 -6.18
CA LYS A 292 -17.14 -14.51 -6.42
C LYS A 292 -16.48 -14.15 -5.08
N HIS A 293 -15.16 -14.28 -5.02
CA HIS A 293 -14.42 -13.96 -3.79
C HIS A 293 -13.45 -12.78 -3.93
N SER A 294 -13.19 -12.36 -5.16
CA SER A 294 -12.28 -11.26 -5.40
C SER A 294 -12.49 -10.73 -6.80
N VAL A 295 -11.79 -9.63 -7.12
CA VAL A 295 -11.83 -9.04 -8.45
C VAL A 295 -10.46 -9.16 -9.11
N LYS A 296 -10.45 -9.35 -10.43
CA LYS A 296 -9.20 -9.44 -11.17
C LYS A 296 -9.26 -8.56 -12.42
N GLY A 297 -8.50 -7.48 -12.39
CA GLY A 297 -8.44 -6.60 -13.55
C GLY A 297 -7.49 -7.30 -14.50
N LEU A 298 -7.94 -7.57 -15.71
CA LEU A 298 -7.12 -8.27 -16.70
C LEU A 298 -6.16 -7.33 -17.41
N GLY A 299 -4.89 -7.73 -17.51
CA GLY A 299 -3.91 -6.89 -18.16
C GLY A 299 -3.41 -7.50 -19.45
N LYS A 300 -2.66 -6.70 -20.22
CA LYS A 300 -2.10 -7.13 -21.50
C LYS A 300 -0.86 -8.00 -21.29
N THR A 301 -0.29 -7.93 -20.08
CA THR A 301 0.90 -8.70 -19.75
C THR A 301 0.73 -9.36 -18.37
N ALA A 302 1.19 -10.59 -18.24
CA ALA A 302 1.10 -11.34 -17.00
C ALA A 302 2.18 -12.39 -17.00
N PRO A 303 2.53 -12.92 -15.83
CA PRO A 303 3.58 -13.93 -15.78
C PRO A 303 3.16 -15.19 -16.54
N ASP A 304 4.14 -15.80 -17.21
CA ASP A 304 3.93 -17.02 -17.99
C ASP A 304 3.31 -18.06 -17.08
N PRO A 305 2.03 -18.42 -17.33
CA PRO A 305 1.33 -19.42 -16.52
C PRO A 305 2.00 -20.80 -16.47
N THR A 306 2.93 -21.02 -17.39
CA THR A 306 3.71 -22.26 -17.50
C THR A 306 4.68 -22.45 -16.31
N ALA A 307 5.38 -21.36 -15.96
CA ALA A 307 6.37 -21.36 -14.88
C ALA A 307 5.86 -21.28 -13.44
N THR A 308 4.56 -21.14 -13.25
CA THR A 308 3.98 -21.02 -11.91
C THR A 308 4.40 -22.14 -10.97
N THR A 309 4.87 -21.78 -9.77
CA THR A 309 5.31 -22.75 -8.76
C THR A 309 4.44 -22.61 -7.52
N THR A 310 4.78 -23.43 -6.53
CA THR A 310 4.11 -23.49 -5.27
C THR A 310 5.15 -23.28 -4.16
N LEU A 311 4.71 -22.71 -3.06
CA LEU A 311 5.61 -22.47 -1.92
C LEU A 311 4.69 -22.65 -0.74
N ASP A 312 4.73 -23.82 -0.13
CA ASP A 312 3.89 -24.12 1.03
C ASP A 312 2.39 -24.11 0.65
N GLY A 313 2.09 -24.65 -0.54
CA GLY A 313 0.71 -24.74 -1.00
C GLY A 313 0.13 -23.51 -1.67
N VAL A 314 0.92 -22.45 -1.75
CA VAL A 314 0.47 -21.19 -2.34
C VAL A 314 1.11 -21.02 -3.71
N GLU A 315 0.30 -20.64 -4.68
CA GLU A 315 0.82 -20.45 -6.04
C GLU A 315 1.66 -19.20 -6.15
N VAL A 316 2.84 -19.32 -6.76
CA VAL A 316 3.73 -18.19 -6.94
C VAL A 316 3.89 -17.99 -8.46
N PRO A 317 3.22 -16.97 -9.02
CA PRO A 317 3.30 -16.69 -10.47
C PRO A 317 4.64 -16.07 -10.88
N LEU A 318 5.74 -16.80 -10.67
CA LEU A 318 7.06 -16.28 -10.97
C LEU A 318 7.52 -16.32 -12.42
N GLY A 319 6.62 -16.70 -13.33
CA GLY A 319 6.96 -16.77 -14.74
C GLY A 319 7.30 -15.44 -15.37
N ASN A 320 8.00 -15.47 -16.49
CA ASN A 320 8.39 -14.25 -17.19
C ASN A 320 7.19 -13.56 -17.82
N GLY A 321 7.22 -12.23 -17.85
CA GLY A 321 6.12 -11.45 -18.41
C GLY A 321 5.83 -11.79 -19.84
N ILE A 322 4.69 -12.43 -20.06
CA ILE A 322 4.24 -12.86 -21.39
C ILE A 322 2.97 -12.08 -21.72
N SER A 323 2.67 -11.92 -23.00
CA SER A 323 1.46 -11.20 -23.38
C SER A 323 0.25 -12.13 -23.31
N THR A 324 -0.80 -11.69 -22.62
CA THR A 324 -2.03 -12.46 -22.51
C THR A 324 -2.79 -12.22 -23.81
N GLY A 325 -3.81 -13.04 -24.06
CA GLY A 325 -4.57 -12.89 -25.28
C GLY A 325 -5.52 -11.73 -25.33
N ILE A 326 -5.91 -11.23 -24.17
CA ILE A 326 -6.85 -10.12 -24.09
C ILE A 326 -6.32 -8.78 -24.62
N ASN A 327 -7.17 -8.12 -25.42
CA ASN A 327 -6.85 -6.86 -26.08
C ASN A 327 -7.80 -5.71 -25.69
N ASP A 328 -9.06 -6.02 -25.48
CA ASP A 328 -10.08 -5.03 -25.13
C ASP A 328 -9.99 -4.59 -23.65
N THR A 329 -8.77 -4.62 -23.11
CA THR A 329 -8.55 -4.22 -21.72
C THR A 329 -7.80 -2.89 -21.58
N CYS A 330 -8.20 -2.12 -20.58
CA CYS A 330 -7.60 -0.82 -20.31
C CYS A 330 -6.29 -0.96 -19.53
N LEU A 331 -6.17 -2.06 -18.79
CA LEU A 331 -4.99 -2.31 -17.97
C LEU A 331 -3.81 -2.95 -18.71
N LEU A 332 -2.60 -2.62 -18.26
CA LEU A 332 -1.37 -3.15 -18.85
C LEU A 332 -0.97 -4.39 -18.08
N TYR A 333 -1.30 -4.40 -16.79
CA TYR A 333 -0.98 -5.51 -15.88
C TYR A 333 -2.20 -5.85 -15.05
N ASN A 334 -2.22 -7.08 -14.51
CA ASN A 334 -3.33 -7.55 -13.69
C ASN A 334 -3.32 -6.86 -12.35
N GLU A 335 -4.50 -6.76 -11.76
CA GLU A 335 -4.67 -6.16 -10.45
C GLU A 335 -5.58 -7.13 -9.75
N TYR A 336 -5.34 -7.35 -8.46
CA TYR A 336 -6.17 -8.25 -7.69
C TYR A 336 -6.70 -7.50 -6.49
N ILE A 337 -8.01 -7.56 -6.31
CA ILE A 337 -8.64 -6.88 -5.21
C ILE A 337 -9.50 -7.82 -4.37
N VAL A 338 -9.31 -7.74 -3.05
CA VAL A 338 -10.09 -8.49 -2.10
C VAL A 338 -10.84 -7.44 -1.26
N TYR A 339 -12.06 -7.73 -0.85
CA TYR A 339 -12.85 -6.77 -0.12
C TYR A 339 -13.03 -7.13 1.32
N ASP A 340 -12.20 -8.06 1.78
CA ASP A 340 -12.27 -8.46 3.16
C ASP A 340 -10.84 -8.52 3.69
N VAL A 341 -10.63 -7.77 4.75
CA VAL A 341 -9.36 -7.67 5.43
C VAL A 341 -8.84 -9.06 5.91
N ALA A 342 -9.74 -10.00 6.11
CA ALA A 342 -9.34 -11.33 6.55
C ALA A 342 -8.88 -12.24 5.40
N GLN A 343 -9.03 -11.79 4.15
CA GLN A 343 -8.63 -12.59 2.99
C GLN A 343 -7.15 -12.57 2.65
N VAL A 344 -6.35 -11.89 3.48
CA VAL A 344 -4.92 -11.81 3.25
C VAL A 344 -4.11 -12.11 4.50
N ASN A 345 -2.98 -12.78 4.28
CA ASN A 345 -2.04 -13.16 5.33
C ASN A 345 -0.65 -12.72 4.85
N LEU A 346 -0.07 -11.70 5.46
CA LEU A 346 1.24 -11.20 5.05
C LEU A 346 2.32 -12.22 5.36
N LYS A 347 3.30 -12.34 4.46
CA LYS A 347 4.36 -13.33 4.59
C LYS A 347 5.78 -12.81 4.62
N TYR A 348 6.12 -11.98 3.65
CA TYR A 348 7.48 -11.47 3.56
C TYR A 348 7.48 -9.99 3.34
N LEU A 349 8.56 -9.33 3.77
CA LEU A 349 8.73 -7.91 3.56
C LEU A 349 10.11 -7.89 2.95
N LEU A 350 10.24 -7.30 1.77
CA LEU A 350 11.53 -7.20 1.11
C LEU A 350 12.07 -5.76 1.14
N LYS A 351 13.38 -5.63 1.29
CA LYS A 351 14.03 -4.33 1.28
C LYS A 351 14.59 -4.26 -0.13
N LEU A 352 14.09 -3.34 -0.95
CA LEU A 352 14.56 -3.25 -2.31
C LEU A 352 15.40 -2.02 -2.53
N LYS A 353 16.33 -2.13 -3.48
CA LYS A 353 17.19 -1.03 -3.88
C LYS A 353 16.89 -0.77 -5.35
N PHE A 354 16.33 0.40 -5.62
CA PHE A 354 15.98 0.82 -6.95
C PHE A 354 17.19 1.45 -7.63
N ASN A 355 17.75 0.78 -8.62
CA ASN A 355 18.88 1.37 -9.32
C ASN A 355 18.36 2.08 -10.57
N TYR A 356 18.40 3.41 -10.55
CA TYR A 356 17.93 4.18 -11.70
C TYR A 356 18.97 4.35 -12.79
N LYS A 357 18.55 4.05 -14.03
CA LYS A 357 19.40 4.19 -15.20
C LYS A 357 19.67 5.69 -15.35
N THR A 358 20.94 6.06 -15.44
CA THR A 358 21.30 7.47 -15.55
C THR A 358 22.11 7.84 -16.77
#